data_8OSP
#
_entry.id   8OSP
#
_cell.length_a   60.680
_cell.length_b   37.080
_cell.length_c   83.650
_cell.angle_alpha   90.000
_cell.angle_beta   97.670
_cell.angle_gamma   90.000
#
_symmetry.space_group_name_H-M   'P 1 21 1'
#
loop_
_entity.id
_entity.type
_entity.pdbx_description
1 polymer N-acetyltransferase
2 non-polymer GLYCEROL
3 non-polymer '2-(N-MORPHOLINO)-ETHANESULFONIC ACID'
4 non-polymer 'PHOSPHATE ION'
5 water water
#
_entity_poly.entity_id   1
_entity_poly.type   'polypeptide(L)'
_entity_poly.pdbx_seq_one_letter_code
;GHMMELSIKRCDINDLDQLVDIAIETFVDTFLPNNKQKDIDQYVINAFKSSKLMDELHNPESQFFFIYSDEELAGYLKVN
VGTAQTEDMGPDSFEVQRIYVRQKFKRTGVGTELMTRAIQLAKRAKKKQVWLGVWEKNVNAQKFYEKFGFIKTGSHKFLM
GSTPNHDWIMTKQL
;
_entity_poly.pdbx_strand_id   A,C
#
loop_
_chem_comp.id
_chem_comp.type
_chem_comp.name
_chem_comp.formula
GOL non-polymer GLYCEROL 'C3 H8 O3'
MES non-polymer '2-(N-MORPHOLINO)-ETHANESULFONIC ACID' 'C6 H13 N O4 S'
PO4 non-polymer 'PHOSPHATE ION' 'O4 P -3'
#
# COMPACT_ATOMS: atom_id res chain seq x y z
N GLY A 1 -42.94 2.11 6.71
CA GLY A 1 -42.83 1.10 7.81
C GLY A 1 -42.28 1.69 9.10
N HIS A 2 -42.19 0.86 10.13
CA HIS A 2 -41.74 1.30 11.45
C HIS A 2 -40.33 0.84 11.78
N MET A 3 -39.61 0.28 10.83
CA MET A 3 -38.26 -0.24 11.07
C MET A 3 -37.25 0.86 10.73
N MET A 4 -36.72 1.52 11.76
CA MET A 4 -35.71 2.54 11.56
C MET A 4 -34.30 1.99 11.51
N GLU A 5 -34.06 0.81 12.06
CA GLU A 5 -32.72 0.23 12.10
CA GLU A 5 -32.72 0.23 12.10
C GLU A 5 -32.39 -0.43 10.77
N LEU A 6 -31.12 -0.32 10.37
CA LEU A 6 -30.64 -1.03 9.21
C LEU A 6 -30.37 -2.50 9.59
N SER A 7 -30.50 -3.38 8.59
CA SER A 7 -30.26 -4.81 8.80
C SER A 7 -29.36 -5.34 7.70
N ILE A 8 -28.46 -6.24 8.07
CA ILE A 8 -27.47 -6.81 7.16
C ILE A 8 -27.85 -8.24 6.85
N LYS A 9 -27.54 -8.67 5.63
CA LYS A 9 -27.81 -10.02 5.16
C LYS A 9 -26.66 -10.49 4.27
N ARG A 10 -26.33 -11.77 4.37
CA ARG A 10 -25.37 -12.39 3.45
C ARG A 10 -26.10 -12.89 2.21
N CYS A 11 -25.60 -12.51 1.04
CA CYS A 11 -26.24 -12.91 -0.21
C CYS A 11 -26.03 -14.39 -0.49
N ASP A 12 -27.04 -15.00 -1.11
CA ASP A 12 -26.94 -16.33 -1.67
C ASP A 12 -27.38 -16.27 -3.12
N ILE A 13 -27.37 -17.43 -3.81
CA ILE A 13 -27.57 -17.41 -5.26
C ILE A 13 -28.97 -16.96 -5.63
N ASN A 14 -29.94 -17.01 -4.72
CA ASN A 14 -31.26 -16.47 -5.02
C ASN A 14 -31.28 -14.95 -5.03
N ASP A 15 -30.20 -14.30 -4.60
CA ASP A 15 -30.07 -12.85 -4.67
C ASP A 15 -29.38 -12.38 -5.94
N LEU A 16 -29.04 -13.30 -6.85
CA LEU A 16 -28.19 -12.95 -7.99
C LEU A 16 -28.81 -11.82 -8.82
N ASP A 17 -30.07 -11.98 -9.24
CA ASP A 17 -30.71 -10.96 -10.05
C ASP A 17 -30.68 -9.61 -9.35
N GLN A 18 -30.99 -9.59 -8.05
CA GLN A 18 -30.97 -8.34 -7.29
C GLN A 18 -29.55 -7.81 -7.15
N LEU A 19 -28.57 -8.70 -6.97
CA LEU A 19 -27.18 -8.27 -6.86
C LEU A 19 -26.70 -7.64 -8.16
N VAL A 20 -26.98 -8.29 -9.30
CA VAL A 20 -26.64 -7.72 -10.59
C VAL A 20 -27.23 -6.32 -10.73
N ASP A 21 -28.50 -6.17 -10.35
CA ASP A 21 -29.19 -4.91 -10.56
C ASP A 21 -28.55 -3.80 -9.74
N ILE A 22 -28.30 -4.03 -8.45
CA ILE A 22 -27.76 -2.97 -7.62
C ILE A 22 -26.29 -2.73 -7.95
N ALA A 23 -25.56 -3.77 -8.36
CA ALA A 23 -24.15 -3.59 -8.69
C ALA A 23 -24.01 -2.65 -9.88
N ILE A 24 -24.87 -2.81 -10.89
CA ILE A 24 -24.81 -1.94 -12.07
C ILE A 24 -25.27 -0.53 -11.71
N GLU A 25 -26.44 -0.42 -11.06
CA GLU A 25 -26.99 0.89 -10.73
C GLU A 25 -26.00 1.75 -9.98
N THR A 26 -25.41 1.20 -8.91
CA THR A 26 -24.54 2.01 -8.06
C THR A 26 -23.20 2.28 -8.74
N PHE A 27 -22.69 1.35 -9.55
CA PHE A 27 -21.45 1.61 -10.26
C PHE A 27 -21.61 2.76 -11.25
N VAL A 28 -22.68 2.73 -12.04
CA VAL A 28 -22.94 3.81 -12.99
C VAL A 28 -23.09 5.13 -12.25
N ASP A 29 -23.87 5.14 -11.17
CA ASP A 29 -24.08 6.38 -10.41
C ASP A 29 -22.75 6.93 -9.90
N THR A 30 -21.82 6.06 -9.51
CA THR A 30 -20.56 6.53 -8.95
C THR A 30 -19.64 7.10 -10.03
N PHE A 31 -19.61 6.47 -11.20
CA PHE A 31 -18.60 6.80 -12.20
C PHE A 31 -19.12 7.67 -13.34
N LEU A 32 -20.44 7.76 -13.52
CA LEU A 32 -20.96 8.55 -14.63
C LEU A 32 -20.58 10.03 -14.54
N PRO A 33 -20.39 10.63 -13.36
CA PRO A 33 -20.02 12.06 -13.33
C PRO A 33 -18.76 12.38 -14.11
N ASN A 34 -17.78 11.47 -14.17
CA ASN A 34 -16.53 11.79 -14.84
C ASN A 34 -16.03 10.66 -15.74
N ASN A 35 -16.90 9.74 -16.15
CA ASN A 35 -16.56 8.71 -17.12
C ASN A 35 -17.70 8.58 -18.12
N LYS A 36 -17.34 8.29 -19.36
CA LYS A 36 -18.34 8.07 -20.39
C LYS A 36 -19.16 6.83 -20.10
N GLN A 37 -20.45 6.88 -20.45
CA GLN A 37 -21.29 5.69 -20.32
C GLN A 37 -20.76 4.56 -21.19
N LYS A 38 -20.18 4.89 -22.35
CA LYS A 38 -19.62 3.85 -23.21
C LYS A 38 -18.52 3.07 -22.50
N ASP A 39 -17.66 3.77 -21.76
CA ASP A 39 -16.60 3.09 -21.02
C ASP A 39 -17.16 2.34 -19.82
N ILE A 40 -18.14 2.94 -19.13
CA ILE A 40 -18.76 2.25 -18.01
C ILE A 40 -19.44 0.96 -18.48
N ASP A 41 -20.08 1.00 -19.65
CA ASP A 41 -20.77 -0.18 -20.16
C ASP A 41 -19.80 -1.34 -20.38
N GLN A 42 -18.63 -1.06 -20.95
CA GLN A 42 -17.67 -2.13 -21.21
C GLN A 42 -17.14 -2.74 -19.91
N TYR A 43 -16.99 -1.94 -18.86
CA TYR A 43 -16.64 -2.49 -17.56
C TYR A 43 -17.78 -3.35 -17.01
N VAL A 44 -19.01 -2.86 -17.12
CA VAL A 44 -20.16 -3.58 -16.55
C VAL A 44 -20.38 -4.89 -17.28
N ILE A 45 -20.17 -4.91 -18.61
CA ILE A 45 -20.50 -6.09 -19.39
C ILE A 45 -19.55 -7.25 -19.12
N ASN A 46 -18.44 -7.00 -18.44
CA ASN A 46 -17.51 -8.05 -18.03
C ASN A 46 -17.56 -8.34 -16.53
N ALA A 47 -17.62 -7.29 -15.71
CA ALA A 47 -17.52 -7.49 -14.26
C ALA A 47 -18.83 -7.94 -13.65
N PHE A 48 -19.97 -7.49 -14.18
CA PHE A 48 -21.26 -7.72 -13.55
C PHE A 48 -22.16 -8.63 -14.37
N LYS A 49 -21.60 -9.36 -15.32
CA LYS A 49 -22.36 -10.39 -16.02
C LYS A 49 -22.90 -11.40 -15.01
N SER A 50 -24.10 -11.91 -15.28
CA SER A 50 -24.77 -12.79 -14.33
C SER A 50 -23.93 -14.01 -14.00
N SER A 51 -23.41 -14.69 -15.03
CA SER A 51 -22.55 -15.85 -14.80
C SER A 51 -21.30 -15.47 -14.01
N LYS A 52 -20.77 -14.26 -14.23
CA LYS A 52 -19.58 -13.82 -13.52
C LYS A 52 -19.86 -13.67 -12.03
N LEU A 53 -20.92 -12.93 -11.69
CA LEU A 53 -21.24 -12.72 -10.27
C LEU A 53 -21.71 -14.01 -9.61
N MET A 54 -22.28 -14.94 -10.38
CA MET A 54 -22.65 -16.23 -9.80
C MET A 54 -21.42 -16.94 -9.25
N ASP A 55 -20.34 -16.98 -10.04
CA ASP A 55 -19.12 -17.64 -9.59
C ASP A 55 -18.54 -16.94 -8.37
N GLU A 56 -18.58 -15.60 -8.35
CA GLU A 56 -18.10 -14.87 -7.19
C GLU A 56 -18.94 -15.19 -5.96
N LEU A 57 -20.25 -15.36 -6.14
CA LEU A 57 -21.11 -15.79 -5.04
C LEU A 57 -20.73 -17.18 -4.56
N HIS A 58 -20.10 -17.99 -5.39
CA HIS A 58 -19.68 -19.34 -5.02
C HIS A 58 -18.24 -19.39 -4.51
N ASN A 59 -17.54 -18.26 -4.47
CA ASN A 59 -16.18 -18.22 -3.95
C ASN A 59 -16.22 -18.10 -2.44
N PRO A 60 -15.80 -19.13 -1.68
CA PRO A 60 -15.95 -19.07 -0.22
C PRO A 60 -14.98 -18.13 0.46
N GLU A 61 -13.95 -17.64 -0.23
CA GLU A 61 -13.08 -16.60 0.31
C GLU A 61 -13.58 -15.19 0.00
N SER A 62 -14.78 -15.08 -0.58
CA SER A 62 -15.46 -13.81 -0.78
C SER A 62 -16.82 -13.87 -0.09
N GLN A 63 -17.41 -12.71 0.15
CA GLN A 63 -18.78 -12.65 0.65
C GLN A 63 -19.42 -11.34 0.22
N PHE A 64 -20.64 -11.45 -0.28
CA PHE A 64 -21.49 -10.30 -0.56
C PHE A 64 -22.47 -10.10 0.59
N PHE A 65 -22.74 -8.84 0.94
CA PHE A 65 -23.73 -8.49 1.94
C PHE A 65 -24.68 -7.46 1.35
N PHE A 66 -25.97 -7.63 1.66
CA PHE A 66 -26.99 -6.62 1.40
C PHE A 66 -27.32 -5.90 2.71
N ILE A 67 -27.55 -4.60 2.63
CA ILE A 67 -28.02 -3.81 3.77
C ILE A 67 -29.37 -3.21 3.41
N TYR A 68 -30.33 -3.33 4.33
CA TYR A 68 -31.70 -2.91 4.09
C TYR A 68 -32.09 -1.74 4.98
N SER A 69 -32.88 -0.82 4.43
CA SER A 69 -33.43 0.31 5.18
C SER A 69 -34.95 0.20 5.13
N ASP A 70 -35.55 -0.08 6.28
CA ASP A 70 -36.99 -0.32 6.39
C ASP A 70 -37.44 -1.32 5.30
N GLU A 71 -36.71 -2.42 5.20
CA GLU A 71 -37.04 -3.57 4.36
C GLU A 71 -36.81 -3.31 2.88
N GLU A 72 -36.21 -2.19 2.51
CA GLU A 72 -35.83 -1.91 1.12
C GLU A 72 -34.32 -2.00 1.00
N LEU A 73 -33.85 -2.58 -0.10
CA LEU A 73 -32.41 -2.73 -0.31
C LEU A 73 -31.76 -1.36 -0.52
N ALA A 74 -30.73 -1.08 0.29
CA ALA A 74 -30.12 0.24 0.33
C ALA A 74 -28.67 0.27 -0.12
N GLY A 75 -27.99 -0.88 -0.14
CA GLY A 75 -26.60 -0.91 -0.56
C GLY A 75 -26.08 -2.33 -0.48
N TYR A 76 -24.81 -2.49 -0.84
CA TYR A 76 -24.20 -3.80 -0.76
C TYR A 76 -22.69 -3.66 -0.55
N LEU A 77 -22.08 -4.77 -0.14
CA LEU A 77 -20.68 -4.85 0.22
C LEU A 77 -20.15 -6.18 -0.25
N LYS A 78 -18.92 -6.17 -0.79
CA LYS A 78 -18.21 -7.40 -1.12
C LYS A 78 -16.82 -7.33 -0.51
N VAL A 79 -16.45 -8.38 0.22
CA VAL A 79 -15.14 -8.46 0.85
C VAL A 79 -14.44 -9.73 0.38
N ASN A 80 -13.11 -9.67 0.32
CA ASN A 80 -12.28 -10.80 -0.09
C ASN A 80 -11.16 -11.02 0.93
N VAL A 81 -10.83 -12.28 1.15
CA VAL A 81 -9.66 -12.67 1.92
C VAL A 81 -8.90 -13.74 1.14
N GLY A 82 -7.68 -14.03 1.61
CA GLY A 82 -6.90 -15.09 1.00
C GLY A 82 -6.69 -14.85 -0.48
N THR A 83 -6.86 -15.90 -1.27
CA THR A 83 -6.60 -15.85 -2.71
C THR A 83 -7.68 -15.11 -3.48
N ALA A 84 -8.79 -14.76 -2.85
CA ALA A 84 -9.85 -14.01 -3.51
C ALA A 84 -9.56 -12.53 -3.61
N GLN A 85 -8.58 -12.03 -2.88
CA GLN A 85 -8.21 -10.62 -2.98
C GLN A 85 -7.78 -10.31 -4.42
N THR A 86 -8.21 -9.14 -4.91
CA THR A 86 -7.86 -8.74 -6.26
C THR A 86 -6.38 -8.40 -6.40
N GLU A 87 -5.70 -8.12 -5.28
CA GLU A 87 -4.25 -8.01 -5.23
C GLU A 87 -3.77 -8.93 -4.13
N ASP A 88 -2.60 -9.54 -4.34
CA ASP A 88 -2.05 -10.52 -3.39
C ASP A 88 -1.41 -9.78 -2.21
N MET A 89 -2.27 -9.30 -1.30
CA MET A 89 -1.79 -8.58 -0.13
C MET A 89 -1.35 -9.51 1.00
N GLY A 90 -1.64 -10.81 0.91
CA GLY A 90 -1.15 -11.76 1.87
C GLY A 90 -2.20 -12.27 2.82
N PRO A 91 -1.81 -13.21 3.69
CA PRO A 91 -2.81 -13.88 4.54
C PRO A 91 -3.37 -13.01 5.65
N ASP A 92 -2.75 -11.88 5.96
CA ASP A 92 -3.18 -11.03 7.06
C ASP A 92 -4.05 -9.88 6.61
N SER A 93 -4.45 -9.83 5.34
CA SER A 93 -5.17 -8.69 4.80
C SER A 93 -6.62 -9.07 4.47
N PHE A 94 -7.43 -8.03 4.32
CA PHE A 94 -8.88 -8.14 4.16
C PHE A 94 -9.29 -7.04 3.21
N GLU A 95 -9.80 -7.41 2.04
CA GLU A 95 -10.13 -6.44 1.00
C GLU A 95 -11.61 -6.10 1.02
N VAL A 96 -11.91 -4.80 0.98
CA VAL A 96 -13.25 -4.31 0.69
C VAL A 96 -13.25 -3.98 -0.80
N GLN A 97 -13.75 -4.91 -1.63
CA GLN A 97 -13.69 -4.71 -3.07
C GLN A 97 -14.83 -3.84 -3.56
N ARG A 98 -16.02 -3.98 -2.97
CA ARG A 98 -17.20 -3.23 -3.36
C ARG A 98 -17.91 -2.73 -2.11
N ILE A 99 -18.24 -1.43 -2.08
CA ILE A 99 -19.04 -0.86 -1.01
C ILE A 99 -19.82 0.30 -1.60
N TYR A 100 -21.13 0.13 -1.73
CA TYR A 100 -21.98 1.07 -2.46
C TYR A 100 -23.29 1.30 -1.72
N VAL A 101 -23.78 2.54 -1.78
CA VAL A 101 -25.07 2.93 -1.23
C VAL A 101 -25.92 3.47 -2.37
N ARG A 102 -27.17 3.04 -2.43
CA ARG A 102 -28.09 3.53 -3.45
C ARG A 102 -28.37 5.02 -3.24
N GLN A 103 -28.57 5.73 -4.35
CA GLN A 103 -28.67 7.18 -4.32
C GLN A 103 -29.69 7.67 -3.30
N LYS A 104 -30.91 7.11 -3.33
CA LYS A 104 -31.97 7.62 -2.47
C LYS A 104 -31.69 7.41 -0.98
N PHE A 105 -30.66 6.64 -0.63
CA PHE A 105 -30.32 6.42 0.77
C PHE A 105 -28.98 7.06 1.15
N LYS A 106 -28.38 7.86 0.28
CA LYS A 106 -27.11 8.47 0.61
C LYS A 106 -27.27 9.51 1.71
N ARG A 107 -26.20 9.69 2.49
CA ARG A 107 -26.14 10.67 3.57
C ARG A 107 -27.11 10.33 4.70
N THR A 108 -27.32 9.03 4.96
CA THR A 108 -28.13 8.60 6.09
C THR A 108 -27.40 7.56 6.92
N GLY A 109 -26.09 7.43 6.77
CA GLY A 109 -25.29 6.52 7.56
C GLY A 109 -25.22 5.09 7.08
N VAL A 110 -25.73 4.80 5.87
CA VAL A 110 -25.72 3.43 5.38
C VAL A 110 -24.30 2.97 5.06
N GLY A 111 -23.51 3.84 4.43
CA GLY A 111 -22.13 3.47 4.13
C GLY A 111 -21.30 3.24 5.37
N THR A 112 -21.47 4.09 6.39
CA THR A 112 -20.73 3.93 7.62
C THR A 112 -21.07 2.60 8.29
N GLU A 113 -22.33 2.21 8.24
CA GLU A 113 -22.72 0.91 8.80
C GLU A 113 -22.04 -0.23 8.07
N LEU A 114 -22.04 -0.18 6.73
CA LEU A 114 -21.39 -1.24 5.95
C LEU A 114 -19.90 -1.34 6.30
N MET A 115 -19.19 -0.22 6.30
CA MET A 115 -17.77 -0.25 6.61
C MET A 115 -17.52 -0.69 8.05
N THR A 116 -18.37 -0.26 8.98
CA THR A 116 -18.21 -0.69 10.36
C THR A 116 -18.34 -2.21 10.46
N ARG A 117 -19.26 -2.80 9.68
CA ARG A 117 -19.41 -4.25 9.67
C ARG A 117 -18.24 -4.92 8.97
N ALA A 118 -17.73 -4.31 7.90
CA ALA A 118 -16.57 -4.88 7.22
C ALA A 118 -15.39 -4.98 8.17
N ILE A 119 -15.18 -3.97 9.01
CA ILE A 119 -14.06 -3.98 9.95
C ILE A 119 -14.30 -5.00 11.05
N GLN A 120 -15.55 -5.12 11.52
CA GLN A 120 -15.89 -6.18 12.46
C GLN A 120 -15.55 -7.55 11.87
N LEU A 121 -15.90 -7.78 10.60
CA LEU A 121 -15.62 -9.06 9.97
C LEU A 121 -14.12 -9.33 9.91
N ALA A 122 -13.34 -8.32 9.55
CA ALA A 122 -11.89 -8.48 9.49
C ALA A 122 -11.32 -8.85 10.85
N LYS A 123 -11.82 -8.21 11.91
CA LYS A 123 -11.37 -8.56 13.25
C LYS A 123 -11.70 -10.02 13.57
N ARG A 124 -12.95 -10.42 13.34
CA ARG A 124 -13.34 -11.81 13.60
C ARG A 124 -12.47 -12.78 12.81
N ALA A 125 -12.09 -12.41 11.59
CA ALA A 125 -11.24 -13.22 10.75
C ALA A 125 -9.77 -13.10 11.13
N LYS A 126 -9.45 -12.34 12.19
CA LYS A 126 -8.08 -12.23 12.70
C LYS A 126 -7.14 -11.60 11.69
N LYS A 127 -7.63 -10.68 10.86
CA LYS A 127 -6.80 -9.98 9.89
C LYS A 127 -6.19 -8.75 10.54
N LYS A 128 -5.04 -8.33 10.01
CA LYS A 128 -4.28 -7.22 10.59
C LYS A 128 -4.47 -5.91 9.86
N GLN A 129 -5.08 -5.91 8.68
CA GLN A 129 -5.36 -4.65 7.99
C GLN A 129 -6.51 -4.85 7.01
N VAL A 130 -7.23 -3.75 6.76
CA VAL A 130 -8.26 -3.68 5.74
C VAL A 130 -7.77 -2.74 4.64
N TRP A 131 -7.97 -3.14 3.39
CA TRP A 131 -7.54 -2.33 2.25
C TRP A 131 -8.63 -2.31 1.18
N LEU A 132 -8.52 -1.34 0.28
CA LEU A 132 -9.50 -1.13 -0.76
C LEU A 132 -8.91 -0.20 -1.79
N GLY A 133 -9.49 -0.24 -3.00
CA GLY A 133 -9.14 0.70 -4.06
C GLY A 133 -10.23 1.74 -4.20
N VAL A 134 -9.80 3.00 -4.32
CA VAL A 134 -10.72 4.12 -4.49
C VAL A 134 -10.21 4.97 -5.65
N TRP A 135 -11.11 5.31 -6.56
CA TRP A 135 -10.74 6.12 -7.71
C TRP A 135 -10.17 7.45 -7.23
N GLU A 136 -9.09 7.90 -7.89
CA GLU A 136 -8.43 9.13 -7.48
C GLU A 136 -9.33 10.35 -7.66
N LYS A 137 -10.41 10.22 -8.43
CA LYS A 137 -11.35 11.32 -8.62
C LYS A 137 -12.57 11.23 -7.71
N ASN A 138 -12.73 10.13 -6.97
CA ASN A 138 -13.82 9.99 -6.01
C ASN A 138 -13.33 10.53 -4.65
N VAL A 139 -13.25 11.86 -4.59
CA VAL A 139 -12.73 12.52 -3.39
C VAL A 139 -13.68 12.35 -2.21
N ASN A 140 -14.98 12.26 -2.46
CA ASN A 140 -15.92 12.04 -1.37
C ASN A 140 -15.68 10.70 -0.69
N ALA A 141 -15.49 9.65 -1.49
CA ALA A 141 -15.15 8.35 -0.91
C ALA A 141 -13.82 8.43 -0.17
N GLN A 142 -12.84 9.12 -0.75
CA GLN A 142 -11.55 9.28 -0.08
C GLN A 142 -11.73 9.85 1.32
N LYS A 143 -12.50 10.94 1.43
CA LYS A 143 -12.76 11.53 2.74
C LYS A 143 -13.54 10.56 3.62
N PHE A 144 -14.45 9.79 3.02
CA PHE A 144 -15.18 8.79 3.79
C PHE A 144 -14.22 7.78 4.42
N TYR A 145 -13.35 7.18 3.63
CA TYR A 145 -12.41 6.21 4.19
C TYR A 145 -11.45 6.87 5.17
N GLU A 146 -11.07 8.12 4.92
CA GLU A 146 -10.12 8.79 5.81
C GLU A 146 -10.67 8.93 7.22
N LYS A 147 -11.98 9.14 7.37
CA LYS A 147 -12.53 9.28 8.73
C LYS A 147 -12.49 7.96 9.48
N PHE A 148 -12.36 6.84 8.78
CA PHE A 148 -12.17 5.52 9.40
C PHE A 148 -10.70 5.20 9.67
N GLY A 149 -9.79 6.11 9.36
CA GLY A 149 -8.39 5.84 9.55
C GLY A 149 -7.69 5.15 8.40
N PHE A 150 -8.33 5.07 7.23
CA PHE A 150 -7.63 4.61 6.04
C PHE A 150 -6.65 5.68 5.56
N ILE A 151 -5.53 5.23 5.00
CA ILE A 151 -4.51 6.12 4.49
C ILE A 151 -4.07 5.61 3.13
N LYS A 152 -3.84 6.53 2.20
CA LYS A 152 -3.30 6.17 0.90
C LYS A 152 -1.93 5.52 1.06
N THR A 153 -1.77 4.33 0.51
CA THR A 153 -0.50 3.60 0.59
C THR A 153 0.04 3.22 -0.79
N GLY A 154 -0.63 3.59 -1.86
CA GLY A 154 -0.16 3.27 -3.18
C GLY A 154 -1.23 3.54 -4.22
N SER A 155 -1.00 3.00 -5.42
CA SER A 155 -1.92 3.19 -6.53
C SER A 155 -1.99 1.90 -7.34
N HIS A 156 -2.97 1.86 -8.25
CA HIS A 156 -3.23 0.67 -9.05
C HIS A 156 -4.11 1.07 -10.23
N LYS A 157 -3.67 0.74 -11.44
CA LYS A 157 -4.42 1.17 -12.62
C LYS A 157 -5.71 0.37 -12.76
N PHE A 158 -6.73 1.03 -13.31
CA PHE A 158 -8.10 0.54 -13.29
C PHE A 158 -8.67 0.80 -14.68
N LEU A 159 -8.68 -0.23 -15.53
CA LEU A 159 -9.03 -0.04 -16.93
C LEU A 159 -10.54 -0.05 -17.12
N MET A 160 -11.06 1.02 -17.72
CA MET A 160 -12.50 1.19 -17.96
C MET A 160 -12.66 1.48 -19.45
N GLY A 161 -13.00 0.44 -20.20
CA GLY A 161 -13.03 0.58 -21.66
C GLY A 161 -11.61 0.74 -22.18
N SER A 162 -11.40 1.76 -23.00
CA SER A 162 -10.06 2.12 -23.47
C SER A 162 -9.41 3.20 -22.62
N THR A 163 -10.07 3.62 -21.53
CA THR A 163 -9.59 4.74 -20.74
C THR A 163 -8.90 4.23 -19.49
N PRO A 164 -7.60 4.50 -19.30
CA PRO A 164 -6.92 4.07 -18.07
C PRO A 164 -7.29 4.98 -16.90
N ASN A 165 -7.94 4.40 -15.89
CA ASN A 165 -8.20 5.08 -14.63
C ASN A 165 -7.20 4.63 -13.58
N HIS A 166 -7.02 5.47 -12.56
CA HIS A 166 -6.04 5.23 -11.51
C HIS A 166 -6.72 5.20 -10.16
N ASP A 167 -6.70 4.04 -9.51
CA ASP A 167 -7.19 3.89 -8.15
C ASP A 167 -6.07 4.17 -7.17
N TRP A 168 -6.40 4.89 -6.10
CA TRP A 168 -5.58 4.83 -4.90
C TRP A 168 -5.78 3.50 -4.21
N ILE A 169 -4.73 3.00 -3.57
CA ILE A 169 -4.86 1.94 -2.58
C ILE A 169 -4.88 2.63 -1.22
N MET A 170 -5.93 2.41 -0.45
CA MET A 170 -6.04 2.92 0.91
C MET A 170 -6.07 1.75 1.87
N THR A 171 -5.39 1.91 3.00
CA THR A 171 -5.21 0.83 3.97
C THR A 171 -5.50 1.32 5.38
N LYS A 172 -6.12 0.45 6.16
CA LYS A 172 -6.35 0.68 7.59
C LYS A 172 -5.78 -0.53 8.33
N GLN A 173 -4.74 -0.30 9.14
CA GLN A 173 -4.09 -1.39 9.84
C GLN A 173 -4.74 -1.58 11.20
N LEU A 174 -5.28 -2.79 11.43
CA LEU A 174 -5.94 -3.22 12.66
C LEU A 174 -7.25 -3.93 12.35
N GLY B 1 39.57 1.03 24.09
CA GLY B 1 39.46 0.26 22.81
C GLY B 1 38.06 0.29 22.24
N HIS B 2 37.84 -0.48 21.18
CA HIS B 2 36.51 -0.56 20.57
C HIS B 2 35.57 -1.36 21.46
N MET B 3 34.27 -1.05 21.34
CA MET B 3 33.28 -1.70 22.20
C MET B 3 31.96 -1.93 21.47
N MET B 4 32.00 -2.05 20.15
CA MET B 4 30.82 -2.34 19.35
C MET B 4 29.78 -1.23 19.43
N GLU B 5 30.18 -0.01 19.71
CA GLU B 5 29.21 1.07 19.90
CA GLU B 5 29.21 1.07 19.90
C GLU B 5 28.71 1.57 18.55
N LEU B 6 27.40 1.60 18.39
CA LEU B 6 26.77 2.11 17.18
C LEU B 6 26.44 3.59 17.37
N SER B 7 26.69 4.39 16.34
CA SER B 7 26.42 5.81 16.37
C SER B 7 25.88 6.25 15.02
N ILE B 8 24.89 7.15 15.05
CA ILE B 8 24.25 7.67 13.85
C ILE B 8 24.73 9.09 13.60
N LYS B 9 25.02 9.40 12.34
CA LYS B 9 25.38 10.75 11.92
C LYS B 9 24.49 11.15 10.75
N ARG B 10 24.04 12.41 10.77
CA ARG B 10 23.28 12.96 9.65
C ARG B 10 24.27 13.47 8.61
N CYS B 11 24.16 12.97 7.39
CA CYS B 11 25.15 13.24 6.37
C CYS B 11 25.11 14.71 5.94
N ASP B 12 26.26 15.19 5.47
CA ASP B 12 26.40 16.50 4.85
C ASP B 12 27.01 16.33 3.47
N ILE B 13 27.03 17.44 2.72
CA ILE B 13 27.52 17.40 1.34
C ILE B 13 28.96 16.90 1.26
N ASN B 14 29.74 17.04 2.33
CA ASN B 14 31.12 16.57 2.30
C ASN B 14 31.23 15.05 2.49
N ASP B 15 30.12 14.36 2.72
CA ASP B 15 30.11 12.91 2.81
C ASP B 15 29.88 12.25 1.45
N LEU B 16 29.84 13.03 0.37
CA LEU B 16 29.49 12.49 -0.94
C LEU B 16 30.36 11.30 -1.30
N ASP B 17 31.69 11.47 -1.25
CA ASP B 17 32.59 10.41 -1.66
C ASP B 17 32.32 9.12 -0.89
N GLN B 18 32.14 9.22 0.44
CA GLN B 18 31.85 8.04 1.24
C GLN B 18 30.47 7.48 0.92
N LEU B 19 29.50 8.35 0.64
CA LEU B 19 28.16 7.88 0.32
C LEU B 19 28.16 7.09 -0.98
N VAL B 20 28.82 7.60 -2.01
CA VAL B 20 28.94 6.86 -3.27
C VAL B 20 29.59 5.51 -3.01
N ASP B 21 30.67 5.50 -2.21
CA ASP B 21 31.38 4.27 -1.91
C ASP B 21 30.44 3.24 -1.30
N ILE B 22 29.76 3.60 -0.22
CA ILE B 22 28.96 2.62 0.51
C ILE B 22 27.67 2.30 -0.24
N ALA B 23 27.09 3.27 -0.95
CA ALA B 23 25.88 2.98 -1.72
C ALA B 23 26.14 1.88 -2.74
N ILE B 24 27.25 1.97 -3.46
CA ILE B 24 27.55 0.99 -4.49
C ILE B 24 27.91 -0.35 -3.85
N GLU B 25 28.78 -0.33 -2.85
CA GLU B 25 29.18 -1.58 -2.19
C GLU B 25 27.98 -2.36 -1.70
N THR B 26 27.08 -1.69 -0.96
CA THR B 26 25.97 -2.40 -0.34
C THR B 26 24.94 -2.86 -1.36
N PHE B 27 24.73 -2.11 -2.43
CA PHE B 27 23.74 -2.52 -3.42
C PHE B 27 24.20 -3.79 -4.15
N VAL B 28 25.46 -3.80 -4.61
CA VAL B 28 25.96 -4.96 -5.33
C VAL B 28 25.94 -6.19 -4.44
N ASP B 29 26.44 -6.05 -3.21
CA ASP B 29 26.46 -7.18 -2.28
C ASP B 29 25.06 -7.71 -2.00
N THR B 30 24.05 -6.84 -2.07
CA THR B 30 22.69 -7.27 -1.75
C THR B 30 22.00 -7.95 -2.93
N PHE B 31 22.24 -7.47 -4.15
CA PHE B 31 21.49 -7.93 -5.31
C PHE B 31 22.26 -8.90 -6.20
N LEU B 32 23.59 -8.88 -6.15
CA LEU B 32 24.36 -9.72 -7.07
C LEU B 32 23.99 -11.19 -6.99
N PRO B 33 23.70 -11.77 -5.82
CA PRO B 33 23.31 -13.20 -5.80
C PRO B 33 22.17 -13.55 -6.75
N ASN B 34 21.07 -12.80 -6.71
CA ASN B 34 19.87 -13.13 -7.48
C ASN B 34 19.54 -12.07 -8.53
N ASN B 35 20.56 -11.43 -9.08
CA ASN B 35 20.39 -10.56 -10.24
C ASN B 35 21.65 -10.65 -11.10
N LYS B 36 21.53 -10.23 -12.35
CA LYS B 36 22.62 -10.35 -13.30
C LYS B 36 23.58 -9.17 -13.18
N GLN B 37 24.86 -9.44 -13.49
CA GLN B 37 25.89 -8.43 -13.32
C GLN B 37 25.63 -7.22 -14.20
N LYS B 38 25.32 -7.43 -15.48
CA LYS B 38 25.11 -6.31 -16.39
C LYS B 38 23.92 -5.46 -15.93
N ASP B 39 22.84 -6.11 -15.48
CA ASP B 39 21.69 -5.35 -14.97
C ASP B 39 22.08 -4.51 -13.76
N ILE B 40 22.88 -5.09 -12.85
CA ILE B 40 23.30 -4.36 -11.67
C ILE B 40 24.22 -3.20 -12.04
N ASP B 41 25.18 -3.45 -12.94
CA ASP B 41 26.09 -2.38 -13.36
C ASP B 41 25.31 -1.21 -13.94
N GLN B 42 24.34 -1.48 -14.81
CA GLN B 42 23.55 -0.40 -15.39
C GLN B 42 22.81 0.37 -14.31
N TYR B 43 22.24 -0.33 -13.33
CA TYR B 43 21.56 0.36 -12.24
C TYR B 43 22.53 1.23 -11.46
N VAL B 44 23.72 0.70 -11.15
CA VAL B 44 24.69 1.45 -10.37
C VAL B 44 25.12 2.70 -11.10
N ILE B 45 25.28 2.61 -12.43
CA ILE B 45 25.71 3.77 -13.21
C ILE B 45 24.70 4.91 -13.09
N ASN B 46 23.41 4.58 -13.07
CA ASN B 46 22.37 5.60 -13.08
C ASN B 46 22.07 6.13 -11.68
N ALA B 47 21.96 5.23 -10.70
CA ALA B 47 21.47 5.63 -9.38
C ALA B 47 22.56 6.24 -8.51
N PHE B 48 23.81 5.81 -8.66
CA PHE B 48 24.87 6.15 -7.72
C PHE B 48 25.98 6.95 -8.38
N LYS B 49 25.71 7.52 -9.55
CA LYS B 49 26.63 8.51 -10.11
C LYS B 49 26.86 9.62 -9.11
N SER B 50 28.11 10.08 -9.00
CA SER B 50 28.45 11.11 -8.03
C SER B 50 27.54 12.32 -8.16
N SER B 51 27.36 12.82 -9.39
CA SER B 51 26.50 13.99 -9.60
C SER B 51 25.06 13.72 -9.16
N LYS B 52 24.59 12.48 -9.33
CA LYS B 52 23.22 12.16 -8.96
C LYS B 52 23.03 12.18 -7.44
N LEU B 53 23.92 11.52 -6.71
CA LEU B 53 23.84 11.53 -5.26
C LEU B 53 24.12 12.93 -4.70
N MET B 54 24.92 13.73 -5.41
CA MET B 54 25.15 15.10 -4.95
C MET B 54 23.86 15.89 -4.91
N ASP B 55 23.02 15.74 -5.95
CA ASP B 55 21.75 16.45 -5.95
C ASP B 55 20.79 15.88 -4.91
N GLU B 56 20.87 14.58 -4.63
CA GLU B 56 20.05 14.02 -3.56
C GLU B 56 20.49 14.56 -2.20
N LEU B 57 21.80 14.70 -1.99
CA LEU B 57 22.29 15.32 -0.77
C LEU B 57 21.85 16.77 -0.66
N HIS B 58 21.57 17.42 -1.79
CA HIS B 58 21.14 18.81 -1.82
C HIS B 58 19.62 18.97 -1.76
N ASN B 59 18.87 17.87 -1.73
CA ASN B 59 17.42 17.98 -1.60
C ASN B 59 17.06 18.18 -0.13
N PRO B 60 16.45 19.30 0.25
CA PRO B 60 16.19 19.55 1.68
C PRO B 60 15.18 18.60 2.30
N GLU B 61 14.37 17.91 1.50
CA GLU B 61 13.37 16.99 2.04
C GLU B 61 13.84 15.55 2.02
N SER B 62 15.09 15.29 1.64
CA SER B 62 15.74 14.00 1.84
C SER B 62 16.78 14.14 2.94
N GLN B 63 17.09 13.02 3.60
CA GLN B 63 18.13 13.02 4.62
C GLN B 63 18.85 11.67 4.56
N PHE B 64 20.17 11.72 4.34
CA PHE B 64 21.01 10.56 4.45
C PHE B 64 21.57 10.47 5.87
N PHE B 65 21.68 9.25 6.38
CA PHE B 65 22.29 8.96 7.67
C PHE B 65 23.37 7.93 7.49
N PHE B 66 24.46 8.08 8.23
CA PHE B 66 25.49 7.07 8.37
C PHE B 66 25.39 6.45 9.76
N ILE B 67 25.51 5.13 9.83
CA ILE B 67 25.64 4.43 11.10
C ILE B 67 27.05 3.87 11.16
N TYR B 68 27.75 4.16 12.26
CA TYR B 68 29.10 3.69 12.48
C TYR B 68 29.08 2.61 13.55
N SER B 69 30.04 1.69 13.46
CA SER B 69 30.37 0.77 14.55
C SER B 69 31.77 1.14 15.01
N ASP B 70 31.89 1.65 16.23
CA ASP B 70 33.15 2.22 16.73
C ASP B 70 33.55 3.30 15.73
N GLU B 71 34.70 3.23 15.09
CA GLU B 71 35.14 4.26 14.15
C GLU B 71 34.76 3.96 12.70
N GLU B 72 34.21 2.78 12.42
CA GLU B 72 34.05 2.28 11.06
C GLU B 72 32.62 2.43 10.57
N LEU B 73 32.49 2.84 9.32
CA LEU B 73 31.18 2.93 8.68
C LEU B 73 30.58 1.53 8.56
N ALA B 74 29.32 1.38 8.99
CA ALA B 74 28.67 0.08 9.03
C ALA B 74 27.41 -0.01 8.16
N GLY B 75 26.85 1.12 7.75
CA GLY B 75 25.65 1.13 6.94
C GLY B 75 25.16 2.55 6.75
N TYR B 76 24.05 2.67 6.03
CA TYR B 76 23.50 3.99 5.77
C TYR B 76 21.99 3.88 5.55
N LEU B 77 21.34 5.03 5.60
CA LEU B 77 19.90 5.16 5.51
C LEU B 77 19.57 6.43 4.76
N LYS B 78 18.56 6.36 3.89
CA LYS B 78 18.01 7.54 3.24
C LYS B 78 16.51 7.58 3.49
N VAL B 79 16.01 8.72 3.97
CA VAL B 79 14.59 8.94 4.20
C VAL B 79 14.14 10.13 3.36
N ASN B 80 12.92 10.05 2.85
CA ASN B 80 12.29 11.14 2.13
C ASN B 80 10.98 11.52 2.82
N VAL B 81 10.69 12.82 2.86
CA VAL B 81 9.41 13.33 3.31
C VAL B 81 8.93 14.34 2.28
N GLY B 82 7.66 14.70 2.38
CA GLY B 82 7.11 15.73 1.50
C GLY B 82 7.33 15.39 0.04
N THR B 83 7.76 16.39 -0.74
CA THR B 83 7.88 16.24 -2.18
C THR B 83 9.05 15.34 -2.60
N ALA B 84 9.97 15.01 -1.69
CA ALA B 84 11.09 14.17 -2.04
C ALA B 84 10.75 12.68 -2.08
N GLN B 85 9.56 12.30 -1.63
CA GLN B 85 9.16 10.90 -1.72
C GLN B 85 9.09 10.47 -3.18
N THR B 86 9.50 9.24 -3.44
CA THR B 86 9.57 8.73 -4.80
C THR B 86 8.22 8.27 -5.33
N GLU B 87 7.24 8.07 -4.45
CA GLU B 87 5.87 7.77 -4.85
C GLU B 87 4.94 8.71 -4.10
N ASP B 88 3.77 8.96 -4.68
CA ASP B 88 2.75 9.80 -4.05
C ASP B 88 1.98 8.95 -3.07
N MET B 89 2.26 9.12 -1.78
CA MET B 89 1.61 8.35 -0.72
C MET B 89 0.65 9.19 0.10
N GLY B 90 0.40 10.44 -0.30
CA GLY B 90 -0.51 11.28 0.43
C GLY B 90 0.18 12.01 1.56
N PRO B 91 -0.62 12.59 2.47
CA PRO B 91 -0.06 13.53 3.45
C PRO B 91 0.64 12.84 4.61
N ASP B 92 1.75 13.43 5.03
CA ASP B 92 2.41 13.06 6.28
C ASP B 92 2.93 11.63 6.23
N SER B 93 3.43 11.22 5.06
CA SER B 93 4.08 9.92 4.90
C SER B 93 5.58 10.07 4.98
N PHE B 94 6.25 8.96 5.30
CA PHE B 94 7.67 8.94 5.64
C PHE B 94 8.28 7.75 4.90
N GLU B 95 9.12 8.02 3.91
CA GLU B 95 9.68 6.97 3.07
C GLU B 95 11.07 6.59 3.55
N VAL B 96 11.31 5.30 3.74
CA VAL B 96 12.66 4.75 3.89
C VAL B 96 13.06 4.27 2.49
N GLN B 97 13.75 5.13 1.74
CA GLN B 97 14.09 4.78 0.37
C GLN B 97 15.26 3.81 0.29
N ARG B 98 16.25 3.98 1.17
CA ARG B 98 17.43 3.12 1.21
C ARG B 98 17.74 2.79 2.66
N ILE B 99 18.04 1.51 2.92
CA ILE B 99 18.52 1.08 4.24
C ILE B 99 19.40 -0.13 4.02
N TYR B 100 20.70 0.01 4.30
CA TYR B 100 21.67 -1.03 4.00
C TYR B 100 22.69 -1.16 5.12
N VAL B 101 23.14 -2.39 5.35
CA VAL B 101 24.22 -2.70 6.28
C VAL B 101 25.34 -3.33 5.50
N ARG B 102 26.57 -2.89 5.76
CA ARG B 102 27.71 -3.44 5.05
C ARG B 102 27.90 -4.91 5.40
N GLN B 103 28.40 -5.67 4.42
CA GLN B 103 28.51 -7.12 4.57
C GLN B 103 29.17 -7.51 5.89
N LYS B 104 30.31 -6.91 6.19
CA LYS B 104 31.08 -7.36 7.36
C LYS B 104 30.41 -7.03 8.68
N PHE B 105 29.31 -6.27 8.68
CA PHE B 105 28.55 -5.99 9.89
C PHE B 105 27.19 -6.66 9.88
N LYS B 106 26.92 -7.53 8.91
CA LYS B 106 25.57 -8.08 8.77
C LYS B 106 25.28 -9.10 9.86
N ARG B 107 23.99 -9.20 10.21
CA ARG B 107 23.50 -10.17 11.17
C ARG B 107 24.03 -9.92 12.57
N THR B 108 24.22 -8.65 12.92
CA THR B 108 24.67 -8.28 14.25
C THR B 108 23.79 -7.18 14.87
N GLY B 109 22.61 -6.93 14.30
CA GLY B 109 21.69 -5.97 14.86
C GLY B 109 21.85 -4.54 14.37
N VAL B 110 22.74 -4.29 13.42
CA VAL B 110 22.92 -2.93 12.92
C VAL B 110 21.68 -2.46 12.17
N GLY B 111 21.12 -3.31 11.32
CA GLY B 111 19.92 -2.94 10.59
C GLY B 111 18.76 -2.64 11.52
N THR B 112 18.63 -3.41 12.60
CA THR B 112 17.56 -3.18 13.56
C THR B 112 17.71 -1.80 14.21
N GLU B 113 18.94 -1.41 14.56
CA GLU B 113 19.16 -0.10 15.14
C GLU B 113 18.78 1.00 14.14
N LEU B 114 19.17 0.84 12.88
CA LEU B 114 18.85 1.84 11.87
C LEU B 114 17.34 2.03 11.75
N MET B 115 16.59 0.94 11.56
CA MET B 115 15.15 1.07 11.38
C MET B 115 14.48 1.63 12.64
N THR B 116 14.95 1.20 13.82
CA THR B 116 14.42 1.75 15.06
C THR B 116 14.52 3.27 15.07
N ARG B 117 15.64 3.81 14.60
CA ARG B 117 15.81 5.26 14.61
C ARG B 117 15.06 5.92 13.47
N ALA B 118 14.85 5.22 12.36
CA ALA B 118 14.01 5.79 11.30
C ALA B 118 12.57 5.97 11.79
N ILE B 119 12.03 4.96 12.49
CA ILE B 119 10.69 5.07 13.03
C ILE B 119 10.64 6.15 14.10
N GLN B 120 11.67 6.23 14.94
CA GLN B 120 11.71 7.27 15.97
C GLN B 120 11.65 8.66 15.36
N LEU B 121 12.42 8.89 14.29
CA LEU B 121 12.37 10.17 13.59
C LEU B 121 10.97 10.45 13.06
N ALA B 122 10.37 9.45 12.41
CA ALA B 122 9.04 9.65 11.84
C ALA B 122 8.02 9.98 12.93
N LYS B 123 8.12 9.34 14.09
CA LYS B 123 7.22 9.65 15.20
C LYS B 123 7.45 11.08 15.69
N ARG B 124 8.71 11.48 15.87
CA ARG B 124 8.98 12.84 16.29
C ARG B 124 8.47 13.85 15.28
N ALA B 125 8.46 13.49 14.01
CA ALA B 125 7.96 14.36 12.95
C ALA B 125 6.45 14.23 12.76
N LYS B 126 5.76 13.54 13.67
CA LYS B 126 4.30 13.45 13.66
C LYS B 126 3.78 12.91 12.32
N LYS B 127 4.53 11.98 11.72
CA LYS B 127 4.07 11.35 10.50
C LYS B 127 3.03 10.28 10.83
N LYS B 128 2.22 9.93 9.83
CA LYS B 128 1.16 8.95 10.02
C LYS B 128 1.52 7.56 9.53
N GLN B 129 2.53 7.41 8.67
CA GLN B 129 2.96 6.09 8.25
C GLN B 129 4.39 6.15 7.77
N VAL B 130 5.10 5.03 7.93
CA VAL B 130 6.39 4.79 7.32
C VAL B 130 6.20 3.76 6.22
N TRP B 131 6.81 4.00 5.06
CA TRP B 131 6.70 3.05 3.96
C TRP B 131 8.05 2.88 3.27
N LEU B 132 8.15 1.83 2.48
CA LEU B 132 9.39 1.46 1.83
C LEU B 132 9.08 0.46 0.72
N GLY B 133 10.06 0.27 -0.16
CA GLY B 133 9.98 -0.74 -1.20
C GLY B 133 10.96 -1.86 -0.90
N VAL B 134 10.54 -3.09 -1.17
CA VAL B 134 11.36 -4.27 -0.96
C VAL B 134 11.11 -5.24 -2.11
N TRP B 135 12.19 -5.77 -2.68
CA TRP B 135 12.06 -6.71 -3.80
C TRP B 135 11.17 -7.88 -3.43
N GLU B 136 10.33 -8.30 -4.38
CA GLU B 136 9.35 -9.34 -4.10
C GLU B 136 9.99 -10.67 -3.72
N LYS B 137 11.26 -10.88 -4.06
CA LYS B 137 11.94 -12.13 -3.76
C LYS B 137 12.90 -12.02 -2.58
N ASN B 138 13.09 -10.82 -2.04
CA ASN B 138 13.95 -10.64 -0.87
C ASN B 138 13.11 -10.88 0.39
N VAL B 139 12.75 -12.15 0.60
CA VAL B 139 11.85 -12.49 1.68
C VAL B 139 12.52 -12.34 3.04
N ASN B 140 13.86 -12.40 3.09
CA ASN B 140 14.58 -12.06 4.31
C ASN B 140 14.23 -10.65 4.77
N ALA B 141 14.40 -9.68 3.88
CA ALA B 141 14.07 -8.30 4.23
C ALA B 141 12.60 -8.14 4.60
N GLN B 142 11.72 -8.83 3.87
CA GLN B 142 10.30 -8.74 4.16
C GLN B 142 10.00 -9.12 5.61
N LYS B 143 10.54 -10.27 6.05
CA LYS B 143 10.34 -10.69 7.43
C LYS B 143 11.04 -9.76 8.41
N PHE B 144 12.16 -9.15 7.99
CA PHE B 144 12.81 -8.16 8.84
C PHE B 144 11.91 -6.97 9.08
N TYR B 145 11.23 -6.50 8.03
CA TYR B 145 10.31 -5.37 8.19
C TYR B 145 9.06 -5.78 8.94
N GLU B 146 8.60 -7.01 8.76
CA GLU B 146 7.36 -7.44 9.39
C GLU B 146 7.46 -7.41 10.92
N LYS B 147 8.64 -7.72 11.46
CA LYS B 147 8.75 -7.72 12.92
C LYS B 147 8.68 -6.31 13.50
N PHE B 148 8.87 -5.28 12.67
CA PHE B 148 8.67 -3.90 13.11
C PHE B 148 7.22 -3.44 12.96
N GLY B 149 6.35 -4.26 12.37
CA GLY B 149 4.97 -3.87 12.14
C GLY B 149 4.65 -3.47 10.71
N PHE B 150 5.61 -3.59 9.79
CA PHE B 150 5.30 -3.34 8.39
C PHE B 150 4.46 -4.47 7.81
N ILE B 151 3.56 -4.10 6.90
CA ILE B 151 2.68 -5.05 6.23
C ILE B 151 2.65 -4.68 4.75
N LYS B 152 2.64 -5.70 3.89
CA LYS B 152 2.51 -5.46 2.46
C LYS B 152 1.20 -4.73 2.17
N THR B 153 1.29 -3.63 1.44
CA THR B 153 0.12 -2.83 1.10
C THR B 153 -0.01 -2.60 -0.40
N GLY B 154 0.97 -3.01 -1.19
CA GLY B 154 0.89 -2.86 -2.63
C GLY B 154 2.19 -3.25 -3.28
N SER B 155 2.35 -2.85 -4.54
CA SER B 155 3.55 -3.16 -5.29
C SER B 155 3.82 -2.04 -6.29
N HIS B 156 5.06 -1.98 -6.75
CA HIS B 156 5.49 -0.97 -7.70
C HIS B 156 6.63 -1.56 -8.52
N LYS B 157 6.66 -1.22 -9.80
CA LYS B 157 7.60 -1.80 -10.76
C LYS B 157 8.73 -0.81 -11.03
N PHE B 158 9.97 -1.32 -10.96
CA PHE B 158 11.15 -0.52 -11.26
C PHE B 158 12.05 -1.30 -12.19
N LEU B 159 12.93 -0.59 -12.87
CA LEU B 159 13.83 -1.17 -13.86
C LEU B 159 15.24 -1.31 -13.30
N MET B 160 15.84 -2.46 -13.54
CA MET B 160 17.24 -2.72 -13.21
C MET B 160 17.96 -2.80 -14.56
N GLY B 161 18.38 -1.65 -15.06
CA GLY B 161 18.83 -1.55 -16.43
C GLY B 161 17.64 -1.54 -17.37
N SER B 162 17.48 -2.62 -18.15
CA SER B 162 16.32 -2.79 -19.00
C SER B 162 15.44 -3.95 -18.56
N THR B 163 15.76 -4.58 -17.41
CA THR B 163 15.02 -5.74 -16.91
C THR B 163 13.98 -5.29 -15.89
N PRO B 164 12.73 -5.74 -15.98
CA PRO B 164 11.72 -5.35 -15.00
C PRO B 164 11.92 -6.05 -13.66
N ASN B 165 11.76 -5.31 -12.58
CA ASN B 165 11.73 -5.85 -11.23
C ASN B 165 10.51 -5.30 -10.50
N HIS B 166 9.98 -6.09 -9.57
CA HIS B 166 8.76 -5.74 -8.85
C HIS B 166 9.09 -5.62 -7.37
N ASP B 167 8.81 -4.45 -6.80
CA ASP B 167 8.96 -4.21 -5.38
C ASP B 167 7.60 -4.30 -4.69
N TRP B 168 7.58 -4.97 -3.56
CA TRP B 168 6.48 -4.79 -2.62
C TRP B 168 6.56 -3.40 -2.01
N ILE B 169 5.40 -2.78 -1.81
CA ILE B 169 5.29 -1.63 -0.91
C ILE B 169 4.89 -2.18 0.45
N MET B 170 5.66 -1.84 1.47
CA MET B 170 5.35 -2.22 2.85
C MET B 170 5.16 -0.97 3.68
N THR B 171 4.13 -0.98 4.53
CA THR B 171 3.73 0.20 5.27
C THR B 171 3.57 -0.12 6.75
N LYS B 172 4.01 0.82 7.59
CA LYS B 172 3.79 0.78 9.03
C LYS B 172 3.07 2.06 9.43
N GLN B 173 1.83 1.95 9.86
CA GLN B 173 1.04 3.13 10.21
C GLN B 173 1.37 3.57 11.63
N LEU B 174 1.56 4.88 11.80
CA LEU B 174 2.00 5.48 13.06
C LEU B 174 3.53 5.45 13.17
C1 GOL C . -19.06 7.17 -0.48
O1 GOL C . -20.30 7.81 -0.53
C2 GOL C . -19.34 5.65 -0.49
O2 GOL C . -18.18 4.91 -0.39
C3 GOL C . -20.29 5.41 0.70
O3 GOL C . -20.06 4.09 1.12
H11 GOL C . -18.56 7.40 0.33
H12 GOL C . -18.49 7.40 -1.22
HO1 GOL C . -20.22 8.54 -0.08
H2 GOL C . -19.76 5.39 -1.32
HO2 GOL C . -17.83 5.04 0.37
H31 GOL C . -21.19 5.57 0.43
H32 GOL C . -20.10 6.07 1.39
HO3 GOL C . -19.36 3.83 0.73
O1 MES D . -33.87 -10.04 4.28
C2 MES D . -34.12 -11.28 4.95
C3 MES D . -34.80 -12.29 4.03
N4 MES D . -35.99 -11.65 3.45
C5 MES D . -35.77 -10.37 2.79
C6 MES D . -35.07 -9.45 3.78
C7 MES D . -36.75 -12.58 2.63
C8 MES D . -37.94 -13.05 3.46
S MES D . -38.73 -14.29 2.66
O1S MES D . -38.23 -15.60 3.14
O2S MES D . -38.49 -14.18 1.20
O3S MES D . -40.18 -14.21 2.93
H21 MES D . -33.18 -11.69 5.30
H22 MES D . -34.76 -11.09 5.81
H31 MES D . -35.09 -13.18 4.59
H32 MES D . -34.11 -12.59 3.24
HN4 MES D . -36.53 -11.41 4.26
H51 MES D . -36.73 -9.94 2.49
H52 MES D . -35.16 -10.50 1.89
H61 MES D . -34.83 -8.50 3.28
H62 MES D . -35.74 -9.24 4.61
H71 MES D . -36.14 -13.44 2.34
H72 MES D . -37.10 -12.09 1.72
H81 MES D . -38.63 -12.23 3.63
H82 MES D . -37.61 -13.40 4.44
O1 MES E . -26.43 -13.27 -20.32
C2 MES E . -27.51 -13.45 -19.41
C3 MES E . -28.01 -12.12 -18.83
N4 MES E . -26.87 -11.34 -18.37
C5 MES E . -25.90 -11.09 -19.42
C6 MES E . -25.37 -12.46 -19.82
C7 MES E . -27.28 -10.15 -17.64
C8 MES E . -26.14 -9.74 -16.71
S MES E . -25.92 -8.09 -16.82
O1S MES E . -25.01 -7.66 -15.74
O2S MES E . -25.31 -7.76 -18.13
O3S MES E . -27.22 -7.40 -16.70
H21 MES E . -28.33 -13.95 -19.92
H22 MES E . -27.19 -14.08 -18.59
H31 MES E . -28.69 -12.31 -18.00
H32 MES E . -28.57 -11.57 -19.59
HN4 MES E . -26.37 -11.90 -17.70
H51 MES E . -25.09 -10.45 -19.07
H52 MES E . -26.37 -10.59 -20.28
H61 MES E . -24.59 -12.36 -20.57
H62 MES E . -24.93 -12.95 -18.94
H71 MES E . -28.17 -10.36 -17.05
H72 MES E . -27.52 -9.34 -18.32
H81 MES E . -26.36 -10.02 -15.68
H82 MES E . -25.22 -10.26 -17.01
P PO4 F . -67.30 33.86 23.06
O1 PO4 F . -66.14 34.70 23.55
O2 PO4 F . -68.58 34.41 23.63
O3 PO4 F . -67.12 32.43 23.51
O4 PO4 F . -67.35 33.92 21.55
C1 GOL G . -67.00 52.73 16.86
O1 GOL G . -67.89 53.80 16.76
C2 GOL G . -66.59 52.62 18.34
O2 GOL G . -65.92 51.44 18.61
C3 GOL G . -65.72 53.87 18.61
O3 GOL G . -65.59 54.01 20.00
H11 GOL G . -66.21 52.87 16.31
H12 GOL G . -67.38 51.90 16.56
HO1 GOL G . -68.41 53.63 16.11
H2 GOL G . -67.37 52.63 18.91
HO2 GOL G . -65.85 51.01 17.88
H31 GOL G . -66.13 54.65 18.18
H32 GOL G . -64.86 53.77 18.16
HO3 GOL G . -65.51 53.21 20.32
C1 GOL H . -15.07 3.19 -4.15
O1 GOL H . -13.92 3.00 -3.40
C2 GOL H . -14.67 2.97 -5.63
O2 GOL H . -15.67 2.35 -6.36
C3 GOL H . -14.36 4.38 -6.16
O3 GOL H . -13.66 4.21 -7.35
H11 GOL H . -15.45 4.07 -4.05
H12 GOL H . -15.79 2.56 -3.92
HO1 GOL H . -14.14 3.07 -2.59
H2 GOL H . -13.90 2.39 -5.68
HO2 GOL H . -16.34 2.88 -6.38
H31 GOL H . -13.86 4.87 -5.48
H32 GOL H . -15.19 4.87 -6.26
HO3 GOL H . -13.81 3.40 -7.60
C1 GOL I . -22.64 6.75 5.12
O1 GOL I . -23.24 6.81 3.85
C2 GOL I . -22.47 8.18 5.64
O2 GOL I . -21.28 8.74 5.23
C3 GOL I . -23.69 8.94 5.10
O3 GOL I . -23.82 10.05 5.91
H11 GOL I . -21.77 6.31 5.10
H12 GOL I . -23.17 6.24 5.75
HO1 GOL I . -22.73 6.39 3.32
H2 GOL I . -22.46 8.19 6.60
HO2 GOL I . -20.66 8.44 5.73
H31 GOL I . -24.47 8.36 5.13
H32 GOL I . -23.56 9.14 4.16
HO3 GOL I . -24.53 9.95 6.34
C1 GOL J . 20.99 0.75 21.22
O1 GOL J . 20.37 0.71 22.47
C2 GOL J . 22.35 0.02 21.37
O2 GOL J . 22.21 -1.19 22.04
C3 GOL J . 22.86 -0.16 19.93
O3 GOL J . 24.19 -0.55 20.02
H11 GOL J . 21.15 1.66 20.91
H12 GOL J . 20.47 0.32 20.53
HO1 GOL J . 20.96 0.44 23.02
H2 GOL J . 22.96 0.54 21.90
HO2 GOL J . 22.98 -1.55 22.08
H31 GOL J . 22.73 0.67 19.44
H32 GOL J . 22.30 -0.81 19.47
HO3 GOL J . 24.65 0.09 19.70
O1 MES K . 30.59 11.31 13.47
C2 MES K . 31.41 10.77 12.45
C3 MES K . 32.86 11.27 12.55
N4 MES K . 32.88 12.72 12.67
C5 MES K . 32.06 13.23 13.76
C6 MES K . 30.64 12.73 13.50
C7 MES K . 34.26 13.21 12.62
C8 MES K . 34.27 14.74 12.64
S MES K . 35.78 15.32 12.23
O1S MES K . 36.51 14.34 11.41
O2S MES K . 36.56 15.61 13.46
O3S MES K . 35.62 16.59 11.48
H21 MES K . 31.40 9.68 12.52
H22 MES K . 31.01 11.05 11.47
H31 MES K . 33.42 10.96 11.66
H32 MES K . 33.34 10.81 13.42
HN4 MES K . 32.43 13.12 11.87
H51 MES K . 32.09 14.32 13.80
H52 MES K . 32.42 12.85 14.72
H61 MES K . 29.97 13.11 14.28
H62 MES K . 30.28 13.13 12.54
H71 MES K . 34.75 12.85 11.72
H72 MES K . 34.82 12.84 13.49
H81 MES K . 33.99 15.09 13.64
H82 MES K . 33.53 15.11 11.94
O1 MES L . 26.27 -12.04 6.43
C2 MES L . 26.64 -12.12 7.80
C3 MES L . 27.99 -11.44 8.06
N4 MES L . 28.97 -11.96 7.12
C5 MES L . 28.60 -11.95 5.72
C6 MES L . 27.24 -12.63 5.58
C7 MES L . 30.28 -11.34 7.34
C8 MES L . 31.32 -12.44 7.48
S MES L . 32.80 -11.75 7.78
O1S MES L . 33.02 -11.69 9.24
O2S MES L . 33.86 -12.59 7.17
O3S MES L . 32.86 -10.39 7.19
H21 MES L . 25.87 -11.64 8.41
H22 MES L . 26.70 -13.17 8.09
H31 MES L . 28.31 -11.63 9.08
H32 MES L . 27.88 -10.36 7.93
HN4 MES L . 29.03 -12.94 7.34
H51 MES L . 29.35 -12.48 5.12
H52 MES L . 28.54 -10.92 5.35
H61 MES L . 26.91 -12.56 4.54
H62 MES L . 27.35 -13.69 5.82
H71 MES L . 30.26 -10.72 8.25
H72 MES L . 30.54 -10.68 6.51
H81 MES L . 31.36 -13.04 6.57
H82 MES L . 31.05 -13.11 8.30
P PO4 M . 24.68 -16.47 4.89
O1 PO4 M . 25.75 -16.83 5.89
O2 PO4 M . 23.33 -16.84 5.45
O3 PO4 M . 24.92 -17.21 3.60
O4 PO4 M . 24.73 -14.98 4.63
#